data_6W7X
#
_entry.id   6W7X
#
_cell.length_a   63.820
_cell.length_b   63.820
_cell.length_c   172.480
_cell.angle_alpha   90.000
_cell.angle_beta   90.000
_cell.angle_gamma   120.000
#
_symmetry.space_group_name_H-M   'P 31 2 1'
#
loop_
_entity.id
_entity.type
_entity.pdbx_description
1 polymer 'Acetylornithine aminotransferase'
2 non-polymer GLYCEROL
3 water water
#
_entity_poly.entity_id   1
_entity_poly.type   'polypeptide(L)'
_entity_poly.pdbx_seq_one_letter_code
;MAHHHHHHMTAATDPLISLSHYYLPVYKPRQVVLERGQGARVWDSQGREFIDLAAGIAVCGLGHNDPDLVAALVEQAGKL
WHTSNVFYSAPPLHLAEELVKASRFAERVFLCNSGAEANEVAIKMVRKWASSQGRPADKRVIITFRGSFHGRTMGAVTAT
AQPKYQEGYEPLPGGFRYIDFNDEVQLETAMAAGDVAAVMLEPIQGEGGVMPAKSGFLKRVRELCDQHDALLVLDEIQAG
MGRTGTLFAHWQDDVVPDMVTLAKALGGGFPIGAMLAGPKVAETMQFGAHGTTFGGNPLAAAVARVALRKLASSEIAANV
SRQSKALRDGFARINEEFGVFSEVRGRGLMLGAVLSKDFAGQAGAILDHAAGQGLLTLQAGPDVLRFVPSLNITDEEVAE
GLKRLRAAIAAFIAAR
;
_entity_poly.pdbx_strand_id   A
#
loop_
_chem_comp.id
_chem_comp.type
_chem_comp.name
_chem_comp.formula
GOL non-polymer GLYCEROL 'C3 H8 O3'
#
# COMPACT_ATOMS: atom_id res chain seq x y z
N LEU A 16 13.92 23.88 -15.09
CA LEU A 16 14.32 22.84 -14.15
C LEU A 16 13.64 21.52 -14.49
N ILE A 17 12.41 21.59 -15.02
CA ILE A 17 11.70 20.40 -15.46
C ILE A 17 12.04 20.02 -16.90
N SER A 18 12.96 20.74 -17.56
CA SER A 18 13.36 20.42 -18.92
C SER A 18 14.39 19.31 -18.99
N LEU A 19 14.98 18.91 -17.87
CA LEU A 19 15.86 17.76 -17.79
C LEU A 19 15.10 16.44 -17.68
N SER A 20 13.77 16.47 -17.84
CA SER A 20 12.96 15.26 -17.92
C SER A 20 13.02 14.62 -19.30
N HIS A 21 13.67 15.27 -20.27
CA HIS A 21 14.00 14.67 -21.56
C HIS A 21 15.10 13.62 -21.44
N TYR A 22 15.66 13.45 -20.23
CA TYR A 22 16.61 12.40 -19.91
C TYR A 22 15.98 11.27 -19.10
N TYR A 23 14.92 11.55 -18.34
CA TYR A 23 14.28 10.54 -17.50
C TYR A 23 13.16 9.82 -18.25
N PRO A 29 3.57 12.24 -15.42
CA PRO A 29 3.84 12.89 -14.13
C PRO A 29 3.34 14.33 -14.09
N ARG A 30 2.74 14.73 -12.97
CA ARG A 30 2.30 16.11 -12.81
C ARG A 30 3.49 17.06 -12.86
N GLN A 31 3.34 18.14 -13.63
CA GLN A 31 4.42 19.11 -13.84
C GLN A 31 4.58 20.00 -12.60
N VAL A 32 5.00 19.36 -11.51
CA VAL A 32 5.24 20.05 -10.24
C VAL A 32 6.49 19.46 -9.61
N VAL A 33 7.49 20.31 -9.38
CA VAL A 33 8.77 19.90 -8.79
C VAL A 33 8.70 20.18 -7.29
N LEU A 34 8.70 19.12 -6.49
CA LEU A 34 8.62 19.22 -5.04
C LEU A 34 10.01 19.40 -4.44
N GLU A 35 10.10 20.25 -3.42
CA GLU A 35 11.37 20.62 -2.81
C GLU A 35 11.53 20.12 -1.37
N ARG A 36 10.52 20.30 -0.53
CA ARG A 36 10.64 19.95 0.87
C ARG A 36 9.25 19.68 1.43
N GLY A 37 9.21 18.91 2.50
CA GLY A 37 7.96 18.59 3.14
C GLY A 37 8.07 18.67 4.64
N GLN A 38 6.90 18.81 5.26
CA GLN A 38 6.77 18.76 6.72
C GLN A 38 5.40 18.17 7.02
N GLY A 39 5.39 16.96 7.57
CA GLY A 39 4.13 16.29 7.83
C GLY A 39 3.40 16.03 6.53
N ALA A 40 2.15 16.50 6.43
CA ALA A 40 1.36 16.40 5.22
C ALA A 40 1.33 17.70 4.42
N ARG A 41 2.36 18.53 4.56
CA ARG A 41 2.58 19.67 3.67
C ARG A 41 3.85 19.46 2.87
N VAL A 42 3.83 19.87 1.60
CA VAL A 42 5.00 19.89 0.73
C VAL A 42 5.04 21.24 0.02
N TRP A 43 6.24 21.71 -0.23
CA TRP A 43 6.45 22.95 -0.97
C TRP A 43 7.17 22.62 -2.28
N ASP A 44 6.72 23.26 -3.37
CA ASP A 44 7.39 23.04 -4.63
C ASP A 44 8.57 24.00 -4.77
N SER A 45 9.28 23.88 -5.88
CA SER A 45 10.51 24.65 -6.08
C SER A 45 10.27 26.15 -6.16
N GLN A 46 9.00 26.58 -6.19
CA GLN A 46 8.66 27.99 -6.25
C GLN A 46 8.11 28.51 -4.93
N GLY A 47 8.07 27.67 -3.90
CA GLY A 47 7.53 28.08 -2.63
C GLY A 47 6.05 27.89 -2.46
N ARG A 48 5.36 27.38 -3.47
CA ARG A 48 3.95 27.06 -3.32
C ARG A 48 3.77 25.95 -2.29
N GLU A 49 2.80 26.14 -1.39
CA GLU A 49 2.53 25.18 -0.34
C GLU A 49 1.37 24.27 -0.76
N PHE A 50 1.55 22.96 -0.60
CA PHE A 50 0.51 22.01 -0.92
C PHE A 50 0.14 21.21 0.32
N ILE A 51 -1.14 20.92 0.45
CA ILE A 51 -1.56 19.82 1.33
C ILE A 51 -1.38 18.52 0.58
N ASP A 52 -0.78 17.55 1.23
CA ASP A 52 -0.44 16.27 0.62
C ASP A 52 -1.40 15.23 1.18
N LEU A 53 -2.30 14.73 0.33
CA LEU A 53 -3.14 13.59 0.67
C LEU A 53 -2.74 12.35 -0.11
N ALA A 54 -1.59 12.38 -0.79
CA ALA A 54 -1.08 11.24 -1.52
C ALA A 54 0.08 10.54 -0.80
N ALA A 55 0.88 11.27 -0.03
CA ALA A 55 1.99 10.68 0.72
C ALA A 55 2.88 9.81 -0.15
N GLY A 56 3.15 10.26 -1.38
CA GLY A 56 4.01 9.50 -2.28
C GLY A 56 3.40 8.18 -2.74
N ILE A 57 2.08 8.14 -2.87
CA ILE A 57 1.27 6.94 -3.11
C ILE A 57 1.40 5.97 -1.94
N ALA A 58 0.94 6.41 -0.77
CA ALA A 58 0.79 5.54 0.40
C ALA A 58 2.15 5.06 0.91
N VAL A 59 3.16 5.90 0.82
CA VAL A 59 4.52 5.53 1.16
C VAL A 59 4.98 6.23 2.44
N CYS A 60 4.79 7.56 2.51
CA CYS A 60 5.28 8.36 3.62
C CYS A 60 4.25 8.33 4.75
N GLY A 61 4.19 7.19 5.44
CA GLY A 61 3.20 7.01 6.48
C GLY A 61 3.35 7.94 7.66
N LEU A 62 4.56 8.47 7.89
CA LEU A 62 4.79 9.43 8.96
C LEU A 62 4.96 10.84 8.40
N GLY A 63 4.51 11.07 7.19
CA GLY A 63 4.64 12.37 6.59
C GLY A 63 6.09 12.65 6.24
N HIS A 64 6.34 13.90 5.88
CA HIS A 64 7.69 14.31 5.53
C HIS A 64 8.39 14.87 6.76
N ASN A 65 9.70 14.63 6.81
CA ASN A 65 10.59 15.18 7.84
C ASN A 65 10.15 14.79 9.25
N ASP A 66 9.75 13.53 9.42
CA ASP A 66 9.45 13.02 10.75
C ASP A 66 10.72 13.04 11.59
N PRO A 67 10.70 13.63 12.79
CA PRO A 67 11.95 13.77 13.54
C PRO A 67 12.61 12.43 13.85
N ASP A 68 11.82 11.42 14.23
CA ASP A 68 12.39 10.14 14.58
C ASP A 68 12.99 9.43 13.37
N LEU A 69 12.29 9.49 12.23
CA LEU A 69 12.83 8.88 11.01
C LEU A 69 14.14 9.54 10.59
N VAL A 70 14.17 10.89 10.59
CA VAL A 70 15.38 11.59 10.16
C VAL A 70 16.52 11.34 11.13
N ALA A 71 16.25 11.40 12.44
CA ALA A 71 17.28 11.10 13.43
C ALA A 71 17.88 9.71 13.20
N ALA A 72 17.03 8.69 13.00
CA ALA A 72 17.54 7.35 12.75
C ALA A 72 18.40 7.30 11.49
N LEU A 73 17.98 7.97 10.43
CA LEU A 73 18.75 7.95 9.19
C LEU A 73 20.10 8.65 9.41
N VAL A 74 20.08 9.81 10.04
CA VAL A 74 21.31 10.54 10.31
C VAL A 74 22.27 9.72 11.18
N GLU A 75 21.74 9.05 12.20
CA GLU A 75 22.61 8.31 13.11
C GLU A 75 23.29 7.15 12.38
N GLN A 76 22.52 6.37 11.62
CA GLN A 76 23.13 5.27 10.88
C GLN A 76 24.04 5.79 9.78
N ALA A 77 23.72 6.95 9.21
CA ALA A 77 24.49 7.44 8.06
C ALA A 77 25.95 7.69 8.42
N GLY A 78 26.22 8.00 9.69
CA GLY A 78 27.57 8.24 10.12
C GLY A 78 28.34 7.01 10.52
N LYS A 79 27.74 5.83 10.38
CA LYS A 79 28.37 4.59 10.83
C LYS A 79 28.73 3.69 9.66
N LEU A 80 27.74 3.29 8.87
CA LEU A 80 27.90 2.19 7.92
C LEU A 80 26.65 2.09 7.06
N TRP A 81 26.83 2.10 5.74
CA TRP A 81 25.66 2.08 4.86
C TRP A 81 25.35 0.70 4.30
N HIS A 82 26.35 -0.16 4.15
CA HIS A 82 26.21 -1.31 3.28
C HIS A 82 27.27 -2.34 3.65
N THR A 83 26.87 -3.62 3.65
CA THR A 83 27.79 -4.71 3.94
C THR A 83 27.90 -5.73 2.82
N SER A 84 26.86 -5.86 1.99
CA SER A 84 26.61 -6.98 1.08
C SER A 84 26.12 -8.16 1.90
N ASN A 85 25.66 -9.21 1.22
CA ASN A 85 25.20 -10.39 1.95
C ASN A 85 26.35 -11.27 2.41
N VAL A 86 27.59 -10.90 2.11
CA VAL A 86 28.73 -11.69 2.55
C VAL A 86 29.00 -11.46 4.04
N PHE A 87 28.65 -10.28 4.56
CA PHE A 87 28.88 -9.92 5.95
C PHE A 87 27.57 -9.51 6.61
N TYR A 88 27.58 -9.51 7.93
CA TYR A 88 26.43 -9.12 8.75
C TYR A 88 26.58 -7.70 9.27
N SER A 89 25.44 -7.08 9.57
CA SER A 89 25.37 -5.90 10.43
C SER A 89 24.14 -6.04 11.32
N ALA A 90 24.07 -5.20 12.36
CA ALA A 90 23.06 -5.38 13.40
C ALA A 90 21.66 -4.88 13.03
N PRO A 91 21.48 -3.68 12.45
CA PRO A 91 20.12 -3.20 12.15
C PRO A 91 19.30 -4.18 11.34
N PRO A 92 19.84 -4.79 10.26
CA PRO A 92 19.01 -5.77 9.54
C PRO A 92 18.62 -6.97 10.39
N LEU A 93 19.53 -7.47 11.24
CA LEU A 93 19.19 -8.62 12.07
C LEU A 93 18.07 -8.28 13.05
N HIS A 94 18.13 -7.08 13.66
CA HIS A 94 17.07 -6.67 14.56
C HIS A 94 15.76 -6.43 13.83
N LEU A 95 15.82 -5.79 12.65
CA LEU A 95 14.61 -5.57 11.88
C LEU A 95 13.98 -6.90 11.46
N ALA A 96 14.80 -7.87 11.07
CA ALA A 96 14.28 -9.19 10.72
C ALA A 96 13.52 -9.79 11.91
N GLU A 97 14.11 -9.72 13.09
CA GLU A 97 13.44 -10.24 14.28
C GLU A 97 12.18 -9.45 14.60
N GLU A 98 12.24 -8.13 14.49
CA GLU A 98 11.09 -7.29 14.86
C GLU A 98 9.96 -7.43 13.86
N LEU A 99 10.28 -7.49 12.56
CA LEU A 99 9.24 -7.64 11.55
C LEU A 99 8.59 -9.01 11.63
N VAL A 100 9.39 -10.06 11.82
CA VAL A 100 8.82 -11.40 11.96
C VAL A 100 7.86 -11.45 13.14
N LYS A 101 8.29 -10.89 14.27
CA LYS A 101 7.43 -10.90 15.46
C LYS A 101 6.18 -10.06 15.22
N ALA A 102 6.33 -8.88 14.63
CA ALA A 102 5.18 -8.00 14.42
C ALA A 102 4.13 -8.64 13.54
N SER A 103 4.55 -9.47 12.58
CA SER A 103 3.66 -9.97 11.54
C SER A 103 2.60 -10.94 12.09
N ARG A 104 2.89 -11.60 13.21
CA ARG A 104 2.02 -12.61 13.82
C ARG A 104 1.79 -13.82 12.93
N PHE A 105 2.68 -14.09 11.97
CA PHE A 105 2.57 -15.34 11.22
C PHE A 105 3.93 -15.82 10.72
N ALA A 106 4.82 -14.89 10.44
CA ALA A 106 6.00 -15.20 9.66
C ALA A 106 7.04 -15.92 10.51
N GLU A 107 7.85 -16.74 9.85
CA GLU A 107 9.03 -17.35 10.46
C GLU A 107 10.33 -16.79 9.90
N ARG A 108 10.32 -16.32 8.67
CA ARG A 108 11.52 -15.79 8.02
C ARG A 108 11.13 -14.55 7.24
N VAL A 109 12.11 -13.67 7.03
CA VAL A 109 11.91 -12.47 6.23
C VAL A 109 13.09 -12.34 5.26
N PHE A 110 12.78 -11.97 4.04
CA PHE A 110 13.78 -11.62 3.04
C PHE A 110 13.72 -10.10 2.87
N LEU A 111 14.81 -9.42 3.22
CA LEU A 111 14.88 -7.98 3.08
C LEU A 111 15.43 -7.61 1.71
N CYS A 112 14.78 -6.67 1.04
CA CYS A 112 15.27 -6.23 -0.27
C CYS A 112 15.07 -4.73 -0.40
N ASN A 113 15.08 -4.25 -1.64
CA ASN A 113 15.18 -2.82 -1.90
C ASN A 113 13.90 -2.18 -2.39
N SER A 114 12.84 -2.96 -2.63
CA SER A 114 11.62 -2.38 -3.19
C SER A 114 10.49 -3.40 -3.12
N GLY A 115 9.27 -2.91 -3.32
CA GLY A 115 8.15 -3.82 -3.43
C GLY A 115 8.20 -4.67 -4.68
N ALA A 116 8.69 -4.10 -5.79
CA ALA A 116 8.88 -4.91 -6.99
C ALA A 116 9.80 -6.09 -6.70
N GLU A 117 10.89 -5.85 -5.97
CA GLU A 117 11.78 -6.96 -5.60
C GLU A 117 11.06 -7.96 -4.68
N ALA A 118 10.28 -7.46 -3.73
CA ALA A 118 9.58 -8.36 -2.80
C ALA A 118 8.59 -9.24 -3.54
N ASN A 119 7.77 -8.66 -4.41
CA ASN A 119 6.78 -9.45 -5.14
C ASN A 119 7.45 -10.46 -6.05
N GLU A 120 8.59 -10.11 -6.66
CA GLU A 120 9.29 -11.07 -7.49
C GLU A 120 9.79 -12.25 -6.66
N VAL A 121 10.34 -11.98 -5.48
CA VAL A 121 10.81 -13.05 -4.60
C VAL A 121 9.63 -13.92 -4.16
N ALA A 122 8.50 -13.30 -3.89
CA ALA A 122 7.34 -14.07 -3.46
C ALA A 122 6.89 -15.02 -4.57
N ILE A 123 6.91 -14.53 -5.82
CA ILE A 123 6.51 -15.35 -6.96
C ILE A 123 7.50 -16.49 -7.17
N LYS A 124 8.81 -16.19 -7.10
CA LYS A 124 9.81 -17.25 -7.25
C LYS A 124 9.64 -18.28 -6.14
N MET A 125 9.36 -17.81 -4.92
CA MET A 125 9.17 -18.73 -3.81
CA MET A 125 9.17 -18.73 -3.81
C MET A 125 7.94 -19.60 -4.00
N VAL A 126 6.87 -19.04 -4.58
CA VAL A 126 5.72 -19.87 -4.89
C VAL A 126 6.14 -21.01 -5.80
N ARG A 127 6.96 -20.70 -6.81
CA ARG A 127 7.37 -21.70 -7.78
C ARG A 127 8.30 -22.72 -7.17
N LYS A 128 9.24 -22.28 -6.33
CA LYS A 128 10.13 -23.25 -5.68
C LYS A 128 9.34 -24.16 -4.76
N TRP A 129 8.39 -23.60 -4.00
CA TRP A 129 7.55 -24.41 -3.14
C TRP A 129 6.74 -25.42 -3.95
N ALA A 130 6.09 -24.94 -5.02
CA ALA A 130 5.28 -25.82 -5.85
C ALA A 130 6.11 -26.99 -6.38
N SER A 131 7.31 -26.72 -6.89
CA SER A 131 8.15 -27.81 -7.38
C SER A 131 8.58 -28.73 -6.25
N SER A 132 8.90 -28.15 -5.08
CA SER A 132 9.24 -28.99 -3.94
C SER A 132 8.05 -29.82 -3.47
N GLN A 133 6.83 -29.46 -3.85
CA GLN A 133 5.67 -30.30 -3.59
C GLN A 133 5.49 -31.37 -4.65
N GLY A 134 6.36 -31.41 -5.66
CA GLY A 134 6.17 -32.33 -6.76
C GLY A 134 5.22 -31.86 -7.83
N ARG A 135 4.90 -30.57 -7.88
CA ARG A 135 4.00 -30.07 -8.92
C ARG A 135 4.75 -29.96 -10.25
N PRO A 136 4.24 -30.58 -11.32
CA PRO A 136 4.85 -30.39 -12.64
C PRO A 136 4.63 -28.96 -13.12
N ALA A 137 5.34 -28.62 -14.20
CA ALA A 137 5.43 -27.23 -14.62
C ALA A 137 4.06 -26.66 -14.99
N ASP A 138 3.13 -27.50 -15.45
CA ASP A 138 1.80 -27.00 -15.78
C ASP A 138 0.89 -26.86 -14.57
N LYS A 139 1.38 -27.11 -13.36
CA LYS A 139 0.57 -27.04 -12.15
C LYS A 139 1.20 -26.12 -11.12
N ARG A 140 1.73 -24.99 -11.58
CA ARG A 140 2.29 -23.94 -10.72
C ARG A 140 1.60 -22.61 -11.00
N VAL A 141 0.30 -22.67 -11.30
CA VAL A 141 -0.42 -21.46 -11.70
C VAL A 141 -0.62 -20.56 -10.49
N ILE A 142 -0.48 -19.25 -10.71
CA ILE A 142 -0.72 -18.24 -9.69
C ILE A 142 -1.95 -17.45 -10.12
N ILE A 143 -2.98 -17.47 -9.28
CA ILE A 143 -4.15 -16.63 -9.52
C ILE A 143 -3.88 -15.23 -8.99
N THR A 144 -4.08 -14.23 -9.84
CA THR A 144 -4.11 -12.83 -9.45
C THR A 144 -5.43 -12.23 -9.92
N PHE A 145 -5.69 -11.00 -9.53
CA PHE A 145 -7.01 -10.43 -9.72
C PHE A 145 -6.95 -9.18 -10.60
N ARG A 146 -7.92 -9.10 -11.51
CA ARG A 146 -8.02 -7.93 -12.37
C ARG A 146 -8.13 -6.69 -11.51
N GLY A 147 -7.37 -5.66 -11.88
CA GLY A 147 -7.29 -4.44 -11.10
C GLY A 147 -6.07 -4.33 -10.20
N SER A 148 -5.26 -5.38 -10.08
CA SER A 148 -4.15 -5.33 -9.14
C SER A 148 -2.77 -5.22 -9.78
N PHE A 149 -2.52 -5.89 -10.91
CA PHE A 149 -1.36 -5.66 -11.77
C PHE A 149 -0.06 -6.31 -11.30
N HIS A 150 -0.08 -7.36 -10.51
CA HIS A 150 1.15 -8.15 -10.38
C HIS A 150 1.07 -9.35 -11.32
N GLY A 151 2.23 -9.78 -11.80
CA GLY A 151 2.31 -10.84 -12.78
C GLY A 151 3.03 -10.42 -14.05
N GLY A 174 4.06 -15.58 -17.97
CA GLY A 174 3.09 -16.66 -18.01
C GLY A 174 2.93 -17.37 -16.68
N GLY A 175 2.09 -18.40 -16.67
CA GLY A 175 1.78 -19.08 -15.43
C GLY A 175 0.81 -18.34 -14.53
N PHE A 176 0.17 -17.29 -15.02
CA PHE A 176 -0.78 -16.51 -14.24
C PHE A 176 -2.18 -16.69 -14.79
N ARG A 177 -3.15 -16.64 -13.89
CA ARG A 177 -4.57 -16.74 -14.21
C ARG A 177 -5.27 -15.55 -13.57
N TYR A 178 -5.95 -14.74 -14.38
CA TYR A 178 -6.59 -13.52 -13.92
C TYR A 178 -8.09 -13.73 -13.80
N ILE A 179 -8.64 -13.42 -12.62
CA ILE A 179 -10.07 -13.48 -12.38
C ILE A 179 -10.51 -12.19 -11.71
N ASP A 180 -11.83 -12.00 -11.61
CA ASP A 180 -12.37 -10.80 -11.00
C ASP A 180 -12.20 -10.83 -9.49
N PHE A 181 -11.86 -9.67 -8.93
CA PHE A 181 -11.77 -9.51 -7.48
C PHE A 181 -13.13 -9.72 -6.82
N ASN A 182 -13.12 -10.23 -5.59
CA ASN A 182 -14.31 -10.39 -4.76
C ASN A 182 -15.33 -11.36 -5.37
N ASP A 183 -14.90 -12.30 -6.21
CA ASP A 183 -15.81 -13.23 -6.87
C ASP A 183 -15.43 -14.64 -6.41
N GLU A 184 -16.15 -15.15 -5.41
CA GLU A 184 -15.81 -16.43 -4.81
C GLU A 184 -16.16 -17.59 -5.74
N VAL A 185 -17.27 -17.46 -6.47
CA VAL A 185 -17.64 -18.50 -7.43
C VAL A 185 -16.60 -18.61 -8.53
N GLN A 186 -16.12 -17.46 -9.04
CA GLN A 186 -15.11 -17.48 -10.10
C GLN A 186 -13.79 -18.05 -9.59
N LEU A 187 -13.44 -17.75 -8.34
CA LEU A 187 -12.21 -18.29 -7.76
C LEU A 187 -12.31 -19.80 -7.58
N GLU A 188 -13.47 -20.27 -7.11
CA GLU A 188 -13.70 -21.69 -6.98
C GLU A 188 -13.51 -22.39 -8.32
N THR A 189 -14.13 -21.85 -9.38
CA THR A 189 -13.99 -22.44 -10.71
C THR A 189 -12.54 -22.47 -11.16
N ALA A 190 -11.82 -21.36 -10.93
CA ALA A 190 -10.46 -21.21 -11.41
C ALA A 190 -9.48 -22.15 -10.71
N MET A 191 -9.83 -22.65 -9.53
CA MET A 191 -8.97 -23.55 -8.79
C MET A 191 -9.39 -25.01 -8.92
N ALA A 192 -10.47 -25.28 -9.65
CA ALA A 192 -11.06 -26.61 -9.66
C ALA A 192 -10.13 -27.64 -10.29
N ALA A 193 -9.31 -27.25 -11.27
CA ALA A 193 -8.48 -28.22 -11.98
C ALA A 193 -7.27 -28.68 -11.16
N GLY A 194 -6.99 -28.07 -10.01
CA GLY A 194 -5.86 -28.50 -9.22
C GLY A 194 -4.51 -28.02 -9.70
N ASP A 195 -4.47 -27.10 -10.65
CA ASP A 195 -3.21 -26.63 -11.21
C ASP A 195 -2.70 -25.35 -10.55
N VAL A 196 -3.41 -24.82 -9.57
CA VAL A 196 -3.06 -23.55 -8.95
C VAL A 196 -2.16 -23.80 -7.74
N ALA A 197 -1.01 -23.12 -7.71
CA ALA A 197 -0.07 -23.22 -6.60
C ALA A 197 -0.23 -22.10 -5.59
N ALA A 198 -0.80 -20.95 -5.98
CA ALA A 198 -0.93 -19.83 -5.07
C ALA A 198 -2.03 -18.90 -5.56
N VAL A 199 -2.69 -18.25 -4.61
CA VAL A 199 -3.52 -17.08 -4.89
C VAL A 199 -2.81 -15.88 -4.31
N MET A 200 -2.64 -14.85 -5.12
CA MET A 200 -1.91 -13.64 -4.74
C MET A 200 -2.84 -12.45 -4.88
N LEU A 201 -2.98 -11.68 -3.80
CA LEU A 201 -3.93 -10.57 -3.85
C LEU A 201 -3.51 -9.45 -2.90
N GLU A 202 -4.04 -8.25 -3.15
CA GLU A 202 -4.01 -7.12 -2.22
C GLU A 202 -5.31 -7.10 -1.43
N PRO A 203 -5.27 -6.84 -0.11
CA PRO A 203 -6.52 -6.76 0.63
C PRO A 203 -7.40 -5.62 0.17
N ILE A 204 -6.81 -4.56 -0.39
CA ILE A 204 -7.55 -3.47 -1.04
C ILE A 204 -6.86 -3.20 -2.36
N GLN A 205 -7.64 -3.10 -3.43
CA GLN A 205 -7.04 -2.83 -4.74
C GLN A 205 -6.85 -1.32 -4.91
N GLY A 206 -5.70 -0.83 -4.50
CA GLY A 206 -5.37 0.58 -4.60
C GLY A 206 -5.56 1.20 -5.95
N GLU A 207 -4.85 0.68 -6.96
CA GLU A 207 -4.97 1.23 -8.30
C GLU A 207 -6.33 0.94 -8.89
N GLY A 208 -6.90 -0.23 -8.58
CA GLY A 208 -8.16 -0.64 -9.14
C GLY A 208 -9.36 -0.08 -8.40
N GLY A 209 -9.40 1.23 -8.24
CA GLY A 209 -10.55 1.89 -7.68
C GLY A 209 -10.64 1.90 -6.17
N VAL A 210 -9.57 1.54 -5.47
CA VAL A 210 -9.56 1.42 -4.01
C VAL A 210 -10.66 0.45 -3.61
N MET A 211 -10.67 -0.73 -4.23
CA MET A 211 -11.72 -1.71 -3.97
C MET A 211 -11.29 -2.65 -2.84
N PRO A 212 -11.91 -2.59 -1.68
CA PRO A 212 -11.52 -3.46 -0.57
C PRO A 212 -12.11 -4.85 -0.73
N ALA A 213 -11.37 -5.85 -0.23
CA ALA A 213 -11.93 -7.19 -0.09
C ALA A 213 -13.21 -7.13 0.72
N LYS A 214 -14.27 -7.74 0.18
CA LYS A 214 -15.54 -7.74 0.88
C LYS A 214 -15.47 -8.68 2.09
N SER A 215 -16.43 -8.53 2.99
CA SER A 215 -16.43 -9.30 4.23
CA SER A 215 -16.41 -9.31 4.23
C SER A 215 -16.35 -10.80 3.93
N GLY A 216 -15.45 -11.50 4.62
CA GLY A 216 -15.28 -12.92 4.45
C GLY A 216 -14.50 -13.35 3.21
N PHE A 217 -14.13 -12.42 2.33
CA PHE A 217 -13.53 -12.83 1.06
C PHE A 217 -12.17 -13.50 1.28
N LEU A 218 -11.26 -12.85 2.01
CA LEU A 218 -9.96 -13.47 2.24
C LEU A 218 -10.11 -14.78 3.02
N LYS A 219 -11.06 -14.84 3.94
CA LYS A 219 -11.32 -16.10 4.62
C LYS A 219 -11.69 -17.20 3.63
N ARG A 220 -12.52 -16.87 2.63
CA ARG A 220 -12.87 -17.85 1.63
C ARG A 220 -11.67 -18.21 0.76
N VAL A 221 -10.81 -17.23 0.45
CA VAL A 221 -9.58 -17.54 -0.28
C VAL A 221 -8.71 -18.49 0.55
N ARG A 222 -8.52 -18.18 1.83
CA ARG A 222 -7.73 -19.05 2.70
C ARG A 222 -8.28 -20.47 2.71
N GLU A 223 -9.59 -20.60 2.89
CA GLU A 223 -10.24 -21.91 2.92
C GLU A 223 -10.05 -22.66 1.60
N LEU A 224 -10.18 -21.95 0.47
CA LEU A 224 -9.98 -22.61 -0.83
C LEU A 224 -8.51 -22.96 -1.06
N CYS A 225 -7.57 -22.09 -0.66
CA CYS A 225 -6.16 -22.44 -0.75
C CYS A 225 -5.85 -23.70 0.06
N ASP A 226 -6.43 -23.80 1.26
CA ASP A 226 -6.22 -24.98 2.08
C ASP A 226 -6.74 -26.22 1.38
N GLN A 227 -7.95 -26.15 0.81
CA GLN A 227 -8.55 -27.30 0.16
C GLN A 227 -7.75 -27.75 -1.06
N HIS A 228 -7.11 -26.83 -1.77
CA HIS A 228 -6.39 -27.16 -2.99
C HIS A 228 -4.88 -27.22 -2.79
N ASP A 229 -4.41 -27.20 -1.54
CA ASP A 229 -2.99 -27.19 -1.22
CA ASP A 229 -2.99 -27.17 -1.20
C ASP A 229 -2.24 -26.11 -2.01
N ALA A 230 -2.66 -24.88 -1.80
CA ALA A 230 -2.03 -23.73 -2.45
C ALA A 230 -1.70 -22.68 -1.39
N LEU A 231 -0.77 -21.79 -1.73
CA LEU A 231 -0.33 -20.74 -0.84
C LEU A 231 -1.18 -19.48 -1.00
N LEU A 232 -1.36 -18.77 0.10
CA LEU A 232 -2.00 -17.45 0.09
C LEU A 232 -0.91 -16.39 0.25
N VAL A 233 -0.76 -15.55 -0.77
CA VAL A 233 0.26 -14.50 -0.80
C VAL A 233 -0.48 -13.17 -0.79
N LEU A 234 -0.25 -12.36 0.24
CA LEU A 234 -0.92 -11.06 0.37
C LEU A 234 0.07 -9.94 0.09
N ASP A 235 -0.25 -9.11 -0.89
CA ASP A 235 0.54 -7.94 -1.24
C ASP A 235 0.02 -6.82 -0.36
N GLU A 236 0.79 -6.45 0.66
CA GLU A 236 0.41 -5.38 1.57
C GLU A 236 1.20 -4.11 1.29
N ILE A 237 1.67 -3.95 0.06
CA ILE A 237 2.53 -2.81 -0.26
C ILE A 237 1.79 -1.49 -0.02
N GLN A 238 0.56 -1.39 -0.48
CA GLN A 238 -0.17 -0.14 -0.23
C GLN A 238 -1.00 -0.21 1.05
N ALA A 239 -1.67 -1.32 1.31
CA ALA A 239 -2.60 -1.38 2.43
C ALA A 239 -1.90 -1.63 3.78
N GLY A 240 -0.61 -1.98 3.77
CA GLY A 240 0.08 -2.38 4.98
C GLY A 240 0.59 -1.21 5.81
N MET A 241 1.46 -1.54 6.77
CA MET A 241 2.17 -0.55 7.59
C MET A 241 1.22 0.43 8.27
N GLY A 242 0.12 -0.10 8.80
CA GLY A 242 -0.81 0.66 9.61
C GLY A 242 -1.91 1.39 8.88
N ARG A 243 -1.92 1.38 7.54
CA ARG A 243 -2.75 2.32 6.80
C ARG A 243 -4.25 2.07 6.97
N THR A 244 -4.69 0.82 7.09
CA THR A 244 -6.11 0.53 7.30
C THR A 244 -6.54 0.59 8.77
N GLY A 245 -5.62 0.88 9.70
CA GLY A 245 -5.97 0.96 11.10
C GLY A 245 -5.42 -0.18 11.95
N THR A 246 -4.88 -1.22 11.32
CA THR A 246 -4.07 -2.22 11.97
C THR A 246 -2.73 -2.27 11.23
N LEU A 247 -1.66 -2.68 11.92
CA LEU A 247 -0.34 -2.69 11.29
C LEU A 247 -0.37 -3.49 9.99
N PHE A 248 -0.95 -4.69 10.03
CA PHE A 248 -1.17 -5.48 8.83
C PHE A 248 -2.65 -5.45 8.48
N ALA A 249 -2.95 -5.19 7.21
CA ALA A 249 -4.35 -5.04 6.83
C ALA A 249 -5.12 -6.34 7.01
N HIS A 250 -4.48 -7.47 6.68
CA HIS A 250 -5.21 -8.73 6.67
C HIS A 250 -5.64 -9.19 8.04
N TRP A 251 -5.14 -8.57 9.12
CA TRP A 251 -5.64 -8.89 10.45
C TRP A 251 -7.14 -8.62 10.55
N GLN A 252 -7.62 -7.58 9.87
CA GLN A 252 -9.04 -7.25 9.90
C GLN A 252 -9.87 -8.23 9.10
N ASP A 253 -9.25 -8.94 8.17
CA ASP A 253 -9.91 -10.01 7.43
C ASP A 253 -9.85 -11.34 8.17
N ASP A 254 -9.08 -11.40 9.25
CA ASP A 254 -8.98 -12.59 10.11
C ASP A 254 -8.57 -13.83 9.31
N VAL A 255 -7.47 -13.68 8.57
CA VAL A 255 -6.83 -14.80 7.90
C VAL A 255 -5.35 -14.80 8.25
N VAL A 256 -4.75 -15.98 8.13
CA VAL A 256 -3.31 -16.13 8.25
C VAL A 256 -2.75 -16.48 6.88
N PRO A 257 -1.94 -15.61 6.28
CA PRO A 257 -1.38 -15.89 4.95
C PRO A 257 -0.13 -16.75 5.06
N ASP A 258 0.35 -17.20 3.90
CA ASP A 258 1.63 -17.88 3.85
C ASP A 258 2.78 -16.94 3.53
N MET A 259 2.53 -15.88 2.76
CA MET A 259 3.52 -14.84 2.50
C MET A 259 2.87 -13.48 2.51
N VAL A 260 3.64 -12.47 2.89
CA VAL A 260 3.21 -11.09 2.82
C VAL A 260 4.36 -10.28 2.21
N THR A 261 4.05 -9.36 1.31
CA THR A 261 5.06 -8.48 0.76
C THR A 261 4.83 -7.03 1.17
N LEU A 262 5.93 -6.32 1.35
CA LEU A 262 5.93 -4.93 1.78
C LEU A 262 6.92 -4.18 0.93
N ALA A 263 6.72 -2.88 0.80
CA ALA A 263 7.62 -2.05 0.01
C ALA A 263 8.16 -0.91 0.88
N LYS A 264 8.40 0.27 0.30
CA LYS A 264 9.15 1.31 1.02
C LYS A 264 8.31 2.04 2.07
N ALA A 265 7.00 1.79 2.14
CA ALA A 265 6.26 2.19 3.33
C ALA A 265 6.87 1.58 4.59
N LEU A 266 7.47 0.39 4.49
CA LEU A 266 8.20 -0.19 5.61
C LEU A 266 9.31 0.74 6.09
N GLY A 267 9.88 1.53 5.19
CA GLY A 267 10.95 2.44 5.56
C GLY A 267 10.49 3.87 5.73
N GLY A 268 9.17 4.07 5.82
CA GLY A 268 8.60 5.41 5.88
C GLY A 268 8.94 6.29 4.69
N GLY A 269 9.36 5.69 3.57
CA GLY A 269 9.84 6.42 2.43
C GLY A 269 11.29 6.17 2.09
N PHE A 270 12.04 5.47 2.96
CA PHE A 270 13.40 5.08 2.58
C PHE A 270 13.33 3.82 1.72
N PRO A 271 14.14 3.71 0.67
CA PRO A 271 14.03 2.53 -0.23
C PRO A 271 14.25 1.23 0.53
N ILE A 272 13.21 0.38 0.53
CA ILE A 272 13.28 -0.91 1.19
C ILE A 272 12.10 -1.74 0.70
N GLY A 273 12.18 -3.06 0.88
CA GLY A 273 11.03 -3.92 0.72
C GLY A 273 11.31 -5.18 1.50
N ALA A 274 10.26 -6.01 1.63
CA ALA A 274 10.44 -7.20 2.41
C ALA A 274 9.42 -8.24 1.96
N MET A 275 9.83 -9.51 1.96
CA MET A 275 8.90 -10.62 1.80
C MET A 275 8.93 -11.40 3.10
N LEU A 276 7.77 -11.47 3.77
CA LEU A 276 7.60 -12.22 5.00
C LEU A 276 7.05 -13.60 4.70
N ALA A 277 7.69 -14.64 5.23
CA ALA A 277 7.39 -16.03 4.90
C ALA A 277 6.91 -16.79 6.13
N GLY A 278 5.74 -17.43 6.03
CA GLY A 278 5.25 -18.29 7.06
C GLY A 278 5.87 -19.68 7.01
N PRO A 279 5.44 -20.54 7.94
CA PRO A 279 6.06 -21.87 8.08
C PRO A 279 6.02 -22.74 6.84
N LYS A 280 4.98 -22.65 6.01
CA LYS A 280 4.91 -23.52 4.84
C LYS A 280 6.07 -23.28 3.89
N VAL A 281 6.55 -22.05 3.80
CA VAL A 281 7.56 -21.68 2.81
C VAL A 281 8.88 -21.26 3.44
N ALA A 282 8.95 -21.10 4.76
CA ALA A 282 10.21 -20.75 5.40
C ALA A 282 11.23 -21.87 5.28
N GLU A 283 10.79 -23.11 5.13
CA GLU A 283 11.67 -24.25 4.91
C GLU A 283 12.09 -24.41 3.45
N THR A 284 11.91 -23.38 2.64
CA THR A 284 12.14 -23.47 1.20
C THR A 284 13.25 -22.50 0.78
N GLY A 295 18.24 -10.46 3.17
CA GLY A 295 19.54 -9.80 3.06
C GLY A 295 19.57 -8.44 3.74
N GLY A 296 19.37 -7.36 2.95
CA GLY A 296 19.20 -6.03 3.49
C GLY A 296 20.50 -5.29 3.70
N ASN A 297 20.36 -4.04 4.14
CA ASN A 297 21.49 -3.16 4.41
C ASN A 297 21.21 -2.37 5.68
N PRO A 298 22.24 -1.95 6.40
CA PRO A 298 22.00 -1.30 7.70
C PRO A 298 21.35 0.07 7.61
N LEU A 299 21.48 0.78 6.48
CA LEU A 299 20.90 2.11 6.36
C LEU A 299 19.37 2.03 6.28
N ALA A 300 18.85 1.21 5.35
CA ALA A 300 17.41 1.01 5.29
C ALA A 300 16.88 0.40 6.57
N ALA A 301 17.62 -0.54 7.15
CA ALA A 301 17.07 -1.27 8.29
C ALA A 301 16.95 -0.37 9.50
N ALA A 302 17.97 0.46 9.76
CA ALA A 302 17.92 1.35 10.92
C ALA A 302 16.71 2.27 10.86
N VAL A 303 16.37 2.74 9.65
CA VAL A 303 15.20 3.60 9.49
C VAL A 303 13.91 2.79 9.61
N ALA A 304 13.86 1.62 8.96
CA ALA A 304 12.63 0.82 9.00
C ALA A 304 12.29 0.37 10.42
N ARG A 305 13.29 0.15 11.27
CA ARG A 305 12.95 -0.26 12.63
C ARG A 305 12.16 0.84 13.34
N VAL A 306 12.50 2.10 13.08
CA VAL A 306 11.75 3.19 13.70
C VAL A 306 10.38 3.31 13.04
N ALA A 307 10.32 3.21 11.72
CA ALA A 307 9.02 3.25 11.03
C ALA A 307 8.10 2.13 11.53
N LEU A 308 8.62 0.91 11.63
CA LEU A 308 7.80 -0.24 12.00
C LEU A 308 7.24 -0.08 13.42
N ARG A 309 8.06 0.46 14.32
CA ARG A 309 7.62 0.63 15.69
C ARG A 309 6.55 1.72 15.79
N LYS A 310 6.79 2.87 15.15
CA LYS A 310 5.82 3.96 15.25
C LYS A 310 4.53 3.62 14.52
N LEU A 311 4.62 3.01 13.34
CA LEU A 311 3.43 2.70 12.55
C LEU A 311 2.59 1.59 13.19
N ALA A 312 3.17 0.79 14.07
CA ALA A 312 2.42 -0.20 14.83
C ALA A 312 1.77 0.36 16.09
N SER A 313 2.00 1.63 16.43
CA SER A 313 1.58 2.13 17.73
C SER A 313 0.06 2.32 17.81
N SER A 314 -0.44 2.35 19.05
CA SER A 314 -1.84 2.66 19.25
C SER A 314 -2.15 4.09 18.83
N GLU A 315 -1.20 5.01 19.00
CA GLU A 315 -1.42 6.39 18.59
C GLU A 315 -1.71 6.49 17.10
N ILE A 316 -0.94 5.78 16.28
CA ILE A 316 -1.14 5.83 14.84
C ILE A 316 -2.46 5.18 14.46
N ALA A 317 -2.76 4.01 15.05
CA ALA A 317 -4.02 3.34 14.74
C ALA A 317 -5.21 4.20 15.15
N ALA A 318 -5.03 4.98 16.21
CA ALA A 318 -6.06 5.91 16.66
C ALA A 318 -6.30 7.01 15.65
N ASN A 319 -5.21 7.62 15.18
CA ASN A 319 -5.34 8.72 14.24
C ASN A 319 -5.94 8.23 12.93
N VAL A 320 -5.59 7.00 12.51
CA VAL A 320 -6.15 6.46 11.27
C VAL A 320 -7.68 6.45 11.35
N SER A 321 -8.24 5.90 12.43
CA SER A 321 -9.70 5.89 12.53
CA SER A 321 -9.70 5.89 12.54
C SER A 321 -10.26 7.30 12.63
N ARG A 322 -9.61 8.17 13.42
CA ARG A 322 -10.09 9.53 13.58
C ARG A 322 -10.10 10.30 12.27
N GLN A 323 -9.03 10.18 11.49
CA GLN A 323 -8.97 10.97 10.26
C GLN A 323 -9.71 10.28 9.12
N SER A 324 -9.82 8.95 9.16
CA SER A 324 -10.71 8.26 8.21
C SER A 324 -12.12 8.79 8.36
N LYS A 325 -12.63 8.79 9.59
CA LYS A 325 -13.96 9.36 9.84
C LYS A 325 -14.03 10.81 9.38
N ALA A 326 -13.00 11.60 9.70
CA ALA A 326 -13.01 13.02 9.34
C ALA A 326 -13.03 13.21 7.82
N LEU A 327 -12.22 12.43 7.09
CA LEU A 327 -12.26 12.52 5.64
C LEU A 327 -13.63 12.09 5.10
N ARG A 328 -14.15 10.97 5.61
CA ARG A 328 -15.46 10.49 5.17
C ARG A 328 -16.54 11.51 5.43
N ASP A 329 -16.52 12.15 6.61
CA ASP A 329 -17.48 13.23 6.88
C ASP A 329 -17.33 14.36 5.87
N GLY A 330 -16.09 14.74 5.56
CA GLY A 330 -15.87 15.84 4.63
C GLY A 330 -16.37 15.51 3.25
N PHE A 331 -16.08 14.29 2.77
CA PHE A 331 -16.58 13.85 1.48
C PHE A 331 -18.10 13.88 1.45
N ALA A 332 -18.76 13.55 2.57
CA ALA A 332 -20.21 13.54 2.61
C ALA A 332 -20.76 14.96 2.51
N ARG A 333 -20.14 15.91 3.21
CA ARG A 333 -20.54 17.31 3.10
C ARG A 333 -20.31 17.84 1.70
N ILE A 334 -19.15 17.52 1.11
CA ILE A 334 -18.89 17.90 -0.27
C ILE A 334 -19.93 17.27 -1.19
N ASN A 335 -20.29 16.00 -0.93
CA ASN A 335 -21.24 15.30 -1.80
C ASN A 335 -22.63 15.92 -1.75
N GLU A 336 -23.11 16.29 -0.57
CA GLU A 336 -24.45 16.84 -0.49
C GLU A 336 -24.56 18.14 -1.28
N GLU A 337 -23.49 18.94 -1.27
CA GLU A 337 -23.50 20.20 -2.00
C GLU A 337 -23.46 19.97 -3.50
N PHE A 338 -22.63 19.04 -3.96
CA PHE A 338 -22.33 18.95 -5.38
C PHE A 338 -22.76 17.65 -6.04
N GLY A 339 -23.13 16.63 -5.27
CA GLY A 339 -23.57 15.38 -5.88
C GLY A 339 -22.47 14.70 -6.68
N VAL A 340 -21.22 14.82 -6.23
CA VAL A 340 -20.09 14.39 -7.03
C VAL A 340 -19.64 12.95 -6.75
N PHE A 341 -20.06 12.36 -5.63
CA PHE A 341 -19.62 11.03 -5.23
C PHE A 341 -20.81 10.08 -5.14
N SER A 342 -20.66 8.87 -5.69
CA SER A 342 -21.68 7.85 -5.51
C SER A 342 -21.47 7.05 -4.22
N GLU A 343 -20.22 6.83 -3.83
CA GLU A 343 -19.90 6.21 -2.55
C GLU A 343 -18.44 6.50 -2.20
N VAL A 344 -18.13 6.35 -0.92
CA VAL A 344 -16.77 6.34 -0.42
C VAL A 344 -16.49 4.94 0.11
N ARG A 345 -15.38 4.35 -0.32
CA ARG A 345 -15.07 2.98 0.06
C ARG A 345 -13.59 2.87 0.42
N GLY A 346 -13.25 1.78 1.09
CA GLY A 346 -11.90 1.56 1.57
C GLY A 346 -11.83 1.32 3.07
N ARG A 347 -10.65 1.40 3.66
CA ARG A 347 -10.48 1.13 5.09
C ARG A 347 -9.46 2.09 5.64
N GLY A 348 -9.74 2.63 6.82
CA GLY A 348 -8.80 3.54 7.45
C GLY A 348 -8.43 4.66 6.51
N LEU A 349 -7.12 4.86 6.32
CA LEU A 349 -6.65 5.95 5.46
C LEU A 349 -6.27 5.45 4.08
N MET A 350 -6.99 4.46 3.56
CA MET A 350 -6.92 4.08 2.16
C MET A 350 -8.36 4.19 1.66
N LEU A 351 -8.71 5.35 1.11
CA LEU A 351 -10.09 5.69 0.78
C LEU A 351 -10.20 6.05 -0.69
N GLY A 352 -11.30 5.61 -1.28
CA GLY A 352 -11.64 5.97 -2.64
C GLY A 352 -13.00 6.62 -2.69
N ALA A 353 -13.06 7.86 -3.17
CA ALA A 353 -14.34 8.54 -3.39
C ALA A 353 -14.75 8.26 -4.84
N VAL A 354 -15.81 7.48 -5.00
CA VAL A 354 -16.26 7.04 -6.32
C VAL A 354 -17.11 8.14 -6.94
N LEU A 355 -16.68 8.60 -8.12
CA LEU A 355 -17.39 9.71 -8.74
C LEU A 355 -18.76 9.26 -9.21
N SER A 356 -19.75 10.15 -9.08
CA SER A 356 -21.12 9.79 -9.41
C SER A 356 -21.30 9.77 -10.93
N LYS A 357 -22.48 9.30 -11.34
CA LYS A 357 -22.77 9.11 -12.76
C LYS A 357 -22.49 10.37 -13.56
N ASP A 358 -22.90 11.52 -13.04
CA ASP A 358 -22.67 12.80 -13.71
C ASP A 358 -21.21 13.21 -13.78
N PHE A 359 -20.32 12.49 -13.09
CA PHE A 359 -18.89 12.83 -13.09
C PHE A 359 -18.03 11.65 -13.51
N ALA A 360 -18.64 10.61 -14.07
CA ALA A 360 -17.88 9.47 -14.58
C ALA A 360 -16.72 9.94 -15.45
N GLY A 361 -15.54 9.39 -15.18
CA GLY A 361 -14.37 9.66 -16.00
C GLY A 361 -13.61 10.94 -15.69
N GLN A 362 -14.07 11.74 -14.72
CA GLN A 362 -13.52 13.07 -14.51
C GLN A 362 -12.44 13.12 -13.42
N ALA A 363 -11.92 11.97 -12.97
CA ALA A 363 -10.96 11.97 -11.87
C ALA A 363 -9.72 12.81 -12.21
N GLY A 364 -9.15 12.60 -13.40
CA GLY A 364 -7.95 13.33 -13.75
C GLY A 364 -8.17 14.82 -13.84
N ALA A 365 -9.30 15.24 -14.41
CA ALA A 365 -9.61 16.65 -14.51
C ALA A 365 -9.77 17.27 -13.13
N ILE A 366 -10.39 16.55 -12.20
CA ILE A 366 -10.53 17.04 -10.83
C ILE A 366 -9.17 17.13 -10.15
N LEU A 367 -8.30 16.14 -10.37
CA LEU A 367 -6.95 16.19 -9.83
C LEU A 367 -6.21 17.43 -10.30
N ASP A 368 -6.37 17.77 -11.59
CA ASP A 368 -5.78 19.01 -12.09
C ASP A 368 -6.32 20.23 -11.34
N HIS A 369 -7.63 20.28 -11.09
CA HIS A 369 -8.14 21.40 -10.32
C HIS A 369 -7.61 21.38 -8.89
N ALA A 370 -7.42 20.19 -8.33
CA ALA A 370 -6.89 20.09 -6.96
C ALA A 370 -5.50 20.68 -6.87
N ALA A 371 -4.62 20.36 -7.83
CA ALA A 371 -3.29 20.95 -7.82
C ALA A 371 -3.38 22.46 -7.90
N GLY A 372 -4.30 22.98 -8.73
CA GLY A 372 -4.49 24.41 -8.82
C GLY A 372 -4.98 25.04 -7.54
N GLN A 373 -5.56 24.25 -6.65
CA GLN A 373 -5.99 24.73 -5.34
C GLN A 373 -4.98 24.42 -4.24
N GLY A 374 -3.80 23.91 -4.58
CA GLY A 374 -2.81 23.58 -3.58
C GLY A 374 -3.07 22.28 -2.85
N LEU A 375 -3.62 21.30 -3.55
CA LEU A 375 -3.86 19.98 -2.97
C LEU A 375 -3.30 18.92 -3.90
N LEU A 376 -2.45 18.04 -3.35
CA LEU A 376 -1.95 16.88 -4.07
C LEU A 376 -2.72 15.66 -3.62
N THR A 377 -3.39 15.01 -4.57
CA THR A 377 -4.12 13.79 -4.27
C THR A 377 -4.02 12.91 -5.51
N LEU A 378 -4.62 11.74 -5.45
CA LEU A 378 -4.46 10.72 -6.47
C LEU A 378 -5.80 10.30 -7.05
N GLN A 379 -5.72 9.57 -8.14
CA GLN A 379 -6.88 8.84 -8.64
C GLN A 379 -6.59 7.35 -8.58
N ALA A 380 -7.61 6.56 -8.91
CA ALA A 380 -7.51 5.10 -8.91
C ALA A 380 -8.40 4.63 -10.06
N GLY A 381 -7.88 4.77 -11.27
CA GLY A 381 -8.72 4.66 -12.43
C GLY A 381 -9.44 5.97 -12.69
N PRO A 382 -10.10 6.08 -13.83
CA PRO A 382 -10.68 7.37 -14.22
C PRO A 382 -11.91 7.78 -13.42
N ASP A 383 -12.47 6.92 -12.58
CA ASP A 383 -13.73 7.20 -11.93
C ASP A 383 -13.62 7.38 -10.42
N VAL A 384 -12.43 7.26 -9.84
CA VAL A 384 -12.26 7.27 -8.39
C VAL A 384 -11.16 8.25 -8.01
N LEU A 385 -11.43 9.10 -7.03
CA LEU A 385 -10.39 9.85 -6.34
C LEU A 385 -9.87 9.00 -5.18
N ARG A 386 -8.54 8.87 -5.10
CA ARG A 386 -7.91 8.05 -4.08
C ARG A 386 -7.20 8.94 -3.08
N PHE A 387 -7.34 8.62 -1.79
CA PHE A 387 -6.75 9.40 -0.70
C PHE A 387 -5.95 8.44 0.16
N VAL A 388 -4.63 8.61 0.18
CA VAL A 388 -3.77 7.75 1.00
C VAL A 388 -2.79 8.64 1.75
N PRO A 389 -3.26 9.49 2.67
CA PRO A 389 -2.36 10.45 3.33
C PRO A 389 -1.48 9.78 4.37
N SER A 390 -0.53 10.56 4.86
CA SER A 390 0.28 10.15 5.99
C SER A 390 -0.62 9.74 7.14
N LEU A 391 -0.21 8.71 7.89
CA LEU A 391 -1.05 8.19 8.96
C LEU A 391 -1.04 9.08 10.20
N ASN A 392 -0.10 10.02 10.30
CA ASN A 392 -0.12 10.99 11.38
C ASN A 392 -0.57 12.37 10.92
N ILE A 393 -1.31 12.44 9.81
CA ILE A 393 -1.89 13.70 9.37
C ILE A 393 -2.79 14.25 10.48
N THR A 394 -2.71 15.57 10.70
CA THR A 394 -3.39 16.19 11.83
C THR A 394 -4.81 16.62 11.46
N ASP A 395 -5.60 16.94 12.50
CA ASP A 395 -6.92 17.52 12.25
C ASP A 395 -6.84 18.71 11.31
N GLU A 396 -5.92 19.63 11.59
CA GLU A 396 -5.86 20.86 10.80
C GLU A 396 -5.41 20.57 9.37
N GLU A 397 -4.53 19.59 9.17
CA GLU A 397 -4.14 19.23 7.81
C GLU A 397 -5.30 18.61 7.05
N VAL A 398 -6.07 17.73 7.71
CA VAL A 398 -7.25 17.16 7.07
C VAL A 398 -8.24 18.26 6.71
N ALA A 399 -8.52 19.17 7.65
CA ALA A 399 -9.47 20.24 7.41
C ALA A 399 -9.08 21.08 6.20
N GLU A 400 -7.80 21.49 6.14
CA GLU A 400 -7.35 22.29 5.00
C GLU A 400 -7.41 21.50 3.69
N GLY A 401 -6.99 20.24 3.73
CA GLY A 401 -7.10 19.40 2.54
C GLY A 401 -8.54 19.28 2.05
N LEU A 402 -9.49 19.10 2.98
CA LEU A 402 -10.89 19.03 2.58
C LEU A 402 -11.38 20.35 2.02
N LYS A 403 -10.94 21.47 2.61
CA LYS A 403 -11.28 22.78 2.08
C LYS A 403 -10.81 22.92 0.64
N ARG A 404 -9.58 22.51 0.37
CA ARG A 404 -9.04 22.64 -0.97
C ARG A 404 -9.72 21.66 -1.93
N LEU A 405 -10.01 20.44 -1.48
CA LEU A 405 -10.74 19.49 -2.32
C LEU A 405 -12.08 20.07 -2.76
N ARG A 406 -12.83 20.66 -1.82
CA ARG A 406 -14.10 21.26 -2.19
C ARG A 406 -13.90 22.40 -3.18
N ALA A 407 -12.92 23.26 -2.93
CA ALA A 407 -12.60 24.32 -3.87
C ALA A 407 -12.32 23.76 -5.26
N ALA A 408 -11.59 22.64 -5.33
CA ALA A 408 -11.25 22.05 -6.61
C ALA A 408 -12.48 21.55 -7.34
N ILE A 409 -13.34 20.81 -6.62
CA ILE A 409 -14.56 20.32 -7.24
C ILE A 409 -15.47 21.48 -7.64
N ALA A 410 -15.57 22.49 -6.78
CA ALA A 410 -16.36 23.68 -7.13
C ALA A 410 -15.83 24.33 -8.40
N ALA A 411 -14.50 24.46 -8.53
CA ALA A 411 -13.91 25.04 -9.72
C ALA A 411 -14.18 24.19 -10.95
N PHE A 412 -14.02 22.87 -10.83
CA PHE A 412 -14.30 21.98 -11.95
C PHE A 412 -15.74 22.15 -12.45
N ILE A 413 -16.70 22.13 -11.53
CA ILE A 413 -18.10 22.30 -11.92
C ILE A 413 -18.35 23.68 -12.51
N ALA A 414 -17.73 24.71 -11.94
CA ALA A 414 -17.95 26.08 -12.43
C ALA A 414 -17.38 26.26 -13.83
N ALA A 415 -16.34 25.49 -14.17
CA ALA A 415 -15.69 25.61 -15.46
C ALA A 415 -16.39 24.82 -16.56
N ARG A 416 -17.16 23.80 -16.20
CA ARG A 416 -17.86 22.95 -17.17
C ARG A 416 -18.79 23.74 -18.08
C1 GOL B . -14.82 21.10 3.86
O1 GOL B . -16.07 20.81 3.30
C2 GOL B . -14.98 20.88 5.37
O2 GOL B . -15.77 19.78 5.63
C3 GOL B . -13.53 20.71 5.96
O3 GOL B . -12.81 21.87 5.69
#